data_7JQI
#
_entry.id   7JQI
#
_cell.length_a   158.887
_cell.length_b   158.887
_cell.length_c   96.091
_cell.angle_alpha   90.000
_cell.angle_beta   90.000
_cell.angle_gamma   120.000
#
_symmetry.space_group_name_H-M   'P 65 2 2'
#
loop_
_entity.id
_entity.type
_entity.pdbx_description
1 polymer 'Glyoxylate/hydroxypyruvate reductase A'
2 non-polymer '2-OXOGLUTARIC ACID'
3 non-polymer 'NADP NICOTINAMIDE-ADENINE-DINUCLEOTIDE PHOSPHATE'
4 water water
#
_entity_poly.entity_id   1
_entity_poly.type   'polypeptide(L)'
_entity_poly.pdbx_seq_one_letter_code
;HHHHHHENLYFQGMDIIFYHPTFDTQWWIEALRKAIPQARVRAWKSGDNDSADYALVWHPPVEMLAGRDLKAVFALGAGV
DSILSKLQAHPEMLNPSVPLFRLEDTGMGEQMQEYAVSQVLHWFRRFDDYRIQQNSSHWQPLPEYHREDFTIGILGAGVL
GSKVAQSLQTWRFPLRCWSRTRKSWPGVQSFAGREELSAFLSQCRVLINLLPNTPETVGIINQQLLEKLPDGAYLLNLAR
GVHVVEDDLLAALDSGKVKGAMLDVFNREPLPPESPLWQHPRVTITPHVAAITRPAEAVEYISRTIAQLEKGEKVCGQVD
RARGY
;
_entity_poly.pdbx_strand_id   A
#
loop_
_chem_comp.id
_chem_comp.type
_chem_comp.name
_chem_comp.formula
AKG non-polymer '2-OXOGLUTARIC ACID' 'C5 H6 O5'
NAP non-polymer 'NADP NICOTINAMIDE-ADENINE-DINUCLEOTIDE PHOSPHATE' 'C21 H28 N7 O17 P3'
#
# COMPACT_ATOMS: atom_id res chain seq x y z
N MET A 14 13.56 20.30 21.68
CA MET A 14 13.98 19.37 20.57
C MET A 14 14.05 19.98 19.16
N ASP A 15 14.85 19.36 18.31
CA ASP A 15 15.10 19.81 16.94
C ASP A 15 14.64 18.77 15.93
N ILE A 16 13.81 19.21 14.99
CA ILE A 16 13.26 18.36 13.95
C ILE A 16 13.67 18.91 12.59
N ILE A 17 14.27 18.05 11.76
CA ILE A 17 14.53 18.37 10.36
C ILE A 17 13.48 17.67 9.50
N PHE A 18 12.98 18.37 8.49
CA PHE A 18 11.90 17.87 7.64
C PHE A 18 12.36 17.91 6.18
N TYR A 19 12.01 16.86 5.43
CA TYR A 19 12.33 16.79 4.00
C TYR A 19 11.27 15.98 3.27
N HIS A 20 10.68 16.57 2.22
CA HIS A 20 9.78 15.88 1.34
C HIS A 20 9.92 16.52 -0.05
N PRO A 21 10.07 15.72 -1.11
CA PRO A 21 10.43 16.29 -2.42
C PRO A 21 9.31 17.10 -3.06
N THR A 22 8.05 16.95 -2.62
CA THR A 22 6.93 17.63 -3.28
C THR A 22 5.81 18.10 -2.37
N PHE A 23 5.73 17.68 -1.10
CA PHE A 23 4.65 18.16 -0.25
C PHE A 23 4.83 19.65 0.07
N ASP A 24 3.77 20.25 0.63
CA ASP A 24 3.78 21.63 1.13
C ASP A 24 4.67 21.82 2.34
N THR A 25 5.96 22.02 2.09
CA THR A 25 6.92 21.97 3.20
C THR A 25 6.58 23.02 4.29
N GLN A 26 6.31 24.26 3.87
CA GLN A 26 6.03 25.31 4.87
C GLN A 26 4.78 24.98 5.68
N TRP A 27 3.75 24.42 5.04
CA TRP A 27 2.56 23.98 5.79
C TRP A 27 2.93 22.97 6.88
N TRP A 28 3.77 21.99 6.54
CA TRP A 28 4.09 20.93 7.50
C TRP A 28 4.90 21.47 8.67
N ILE A 29 5.89 22.32 8.39
CA ILE A 29 6.70 22.93 9.44
C ILE A 29 5.82 23.64 10.46
N GLU A 30 4.96 24.53 9.97
CA GLU A 30 4.09 25.28 10.88
C GLU A 30 3.16 24.34 11.64
N ALA A 31 2.62 23.33 10.99
CA ALA A 31 1.71 22.42 11.69
C ALA A 31 2.45 21.58 12.72
N LEU A 32 3.70 21.21 12.43
CA LEU A 32 4.50 20.49 13.42
C LEU A 32 4.89 21.40 14.59
N ARG A 33 5.24 22.65 14.31
CA ARG A 33 5.52 23.60 15.38
C ARG A 33 4.31 23.73 16.31
N LYS A 34 3.09 23.78 15.76
CA LYS A 34 1.93 23.98 16.65
C LYS A 34 1.59 22.72 17.44
N ALA A 35 1.83 21.53 16.86
CA ALA A 35 1.55 20.27 17.54
C ALA A 35 2.62 19.92 18.58
N ILE A 36 3.83 20.46 18.44
CA ILE A 36 4.95 20.17 19.31
C ILE A 36 5.59 21.51 19.67
N PRO A 37 4.97 22.35 20.51
CA PRO A 37 5.41 23.76 20.59
C PRO A 37 6.82 23.97 21.14
N GLN A 38 7.34 23.02 21.91
CA GLN A 38 8.70 23.05 22.40
C GLN A 38 9.72 22.74 21.31
N ALA A 39 9.28 22.37 20.11
CA ALA A 39 10.17 21.91 19.06
C ALA A 39 10.58 23.04 18.12
N ARG A 40 11.84 23.01 17.71
CA ARG A 40 12.36 23.80 16.61
C ARG A 40 12.35 22.94 15.35
N VAL A 41 11.51 23.32 14.38
CA VAL A 41 11.33 22.57 13.14
C VAL A 41 11.93 23.36 11.99
N ARG A 42 12.71 22.68 11.15
CA ARG A 42 13.29 23.31 9.98
C ARG A 42 13.31 22.34 8.79
N ALA A 43 13.24 22.93 7.60
CA ALA A 43 13.44 22.22 6.34
C ALA A 43 14.92 21.93 6.16
N TRP A 44 15.22 20.69 5.75
CA TRP A 44 16.60 20.28 5.56
C TRP A 44 17.04 20.64 4.15
N LYS A 45 18.21 21.29 4.05
CA LYS A 45 18.85 21.60 2.79
C LYS A 45 20.28 21.05 2.83
N SER A 46 20.81 20.76 1.64
CA SER A 46 22.18 20.26 1.55
C SER A 46 23.12 21.19 2.31
N GLY A 47 24.08 20.59 3.00
CA GLY A 47 25.04 21.35 3.78
C GLY A 47 24.64 21.57 5.22
N ASP A 48 23.37 21.30 5.58
CA ASP A 48 22.89 21.53 6.94
C ASP A 48 23.35 20.35 7.78
N ASN A 49 24.40 20.56 8.57
CA ASN A 49 24.93 19.53 9.47
C ASN A 49 24.68 19.87 10.93
N ASP A 50 23.85 20.86 11.21
CA ASP A 50 23.45 21.19 12.58
C ASP A 50 22.69 20.02 13.23
N SER A 51 22.54 20.10 14.55
CA SER A 51 21.95 19.02 15.34
C SER A 51 20.50 18.81 14.97
N ALA A 52 20.07 17.60 15.27
CA ALA A 52 18.67 17.25 15.11
C ALA A 52 18.39 16.00 15.92
N ASP A 53 17.24 15.98 16.55
CA ASP A 53 16.77 14.83 17.30
C ASP A 53 15.92 13.89 16.48
N TYR A 54 15.04 14.42 15.64
CA TYR A 54 14.15 13.62 14.80
C TYR A 54 14.21 14.13 13.36
N ALA A 55 14.09 13.18 12.42
CA ALA A 55 14.06 13.47 11.00
C ALA A 55 12.75 12.93 10.43
N LEU A 56 12.04 13.78 9.68
CA LEU A 56 10.83 13.41 8.97
C LEU A 56 11.16 13.48 7.50
N VAL A 57 11.06 12.35 6.80
CA VAL A 57 11.65 12.24 5.47
C VAL A 57 10.78 11.43 4.52
N TRP A 58 10.97 11.72 3.23
CA TRP A 58 10.48 10.91 2.12
C TRP A 58 11.50 11.06 1.00
N HIS A 59 11.98 9.93 0.46
CA HIS A 59 13.05 9.91 -0.54
C HIS A 59 14.21 10.84 -0.15
N PRO A 60 14.74 10.70 1.07
CA PRO A 60 15.78 11.63 1.50
C PRO A 60 17.10 11.34 0.81
N PRO A 61 17.90 12.36 0.56
CA PRO A 61 19.27 12.12 0.12
C PRO A 61 20.10 11.53 1.27
N VAL A 62 21.07 10.70 0.88
CA VAL A 62 21.94 10.04 1.84
C VAL A 62 22.45 11.05 2.87
N GLU A 63 22.88 12.22 2.38
CA GLU A 63 23.55 13.22 3.21
C GLU A 63 22.67 13.70 4.37
N MET A 64 21.35 13.67 4.22
CA MET A 64 20.50 14.16 5.29
C MET A 64 20.68 13.37 6.58
N LEU A 65 20.88 12.06 6.46
CA LEU A 65 20.86 11.16 7.58
C LEU A 65 22.22 10.60 7.96
N ALA A 66 23.17 10.58 7.05
CA ALA A 66 24.42 9.87 7.29
C ALA A 66 25.17 10.48 8.48
N GLY A 67 25.62 9.62 9.38
CA GLY A 67 26.39 10.05 10.52
C GLY A 67 25.59 10.64 11.66
N ARG A 68 24.28 10.80 11.49
CA ARG A 68 23.44 11.42 12.51
C ARG A 68 22.96 10.37 13.51
N ASP A 69 23.13 10.68 14.79
CA ASP A 69 22.59 9.84 15.86
C ASP A 69 21.23 10.39 16.25
N LEU A 70 20.24 10.08 15.42
CA LEU A 70 18.91 10.59 15.63
C LEU A 70 18.18 9.74 16.67
N LYS A 71 17.24 10.35 17.34
CA LYS A 71 16.37 9.59 18.24
C LYS A 71 15.34 8.79 17.48
N ALA A 72 14.94 9.25 16.28
CA ALA A 72 14.09 8.48 15.39
C ALA A 72 14.00 9.17 14.03
N VAL A 73 13.70 8.37 13.02
CA VAL A 73 13.36 8.82 11.68
C VAL A 73 11.93 8.38 11.38
N PHE A 74 11.12 9.28 10.85
CA PHE A 74 9.77 8.96 10.41
C PHE A 74 9.72 9.07 8.89
N ALA A 75 9.45 7.96 8.23
CA ALA A 75 9.18 7.96 6.81
C ALA A 75 7.74 8.40 6.57
N LEU A 76 7.56 9.42 5.73
CA LEU A 76 6.27 10.06 5.51
C LEU A 76 5.41 9.30 4.50
N GLY A 77 5.26 7.99 4.70
CA GLY A 77 4.38 7.17 3.90
C GLY A 77 4.16 5.85 4.60
N ALA A 78 3.25 5.06 4.03
CA ALA A 78 3.07 3.72 4.54
C ALA A 78 4.15 2.78 4.02
N GLY A 79 4.57 2.93 2.76
CA GLY A 79 5.59 2.05 2.21
C GLY A 79 6.97 2.57 2.53
N VAL A 80 7.89 1.64 2.78
CA VAL A 80 9.25 2.01 3.12
C VAL A 80 10.23 1.29 2.20
N ASP A 81 9.72 0.65 1.14
CA ASP A 81 10.65 -0.07 0.26
C ASP A 81 11.72 0.86 -0.31
N SER A 82 11.40 2.14 -0.52
CA SER A 82 12.38 3.02 -1.13
C SER A 82 13.50 3.35 -0.14
N ILE A 83 13.15 3.74 1.07
CA ILE A 83 14.17 4.11 2.06
C ILE A 83 15.02 2.87 2.43
N LEU A 84 14.37 1.72 2.54
CA LEU A 84 15.12 0.53 2.94
C LEU A 84 16.08 0.06 1.84
N SER A 85 15.66 0.19 0.57
CA SER A 85 16.56 -0.21 -0.49
C SER A 85 17.74 0.77 -0.62
N LYS A 86 17.49 2.07 -0.37
CA LYS A 86 18.57 3.03 -0.27
C LYS A 86 19.53 2.71 0.89
N LEU A 87 19.00 2.28 2.05
CA LEU A 87 19.90 1.93 3.16
C LEU A 87 20.73 0.70 2.83
N GLN A 88 20.16 -0.26 2.09
CA GLN A 88 20.94 -1.40 1.65
C GLN A 88 22.12 -0.97 0.78
N ALA A 89 21.87 -0.06 -0.17
CA ALA A 89 22.92 0.43 -1.05
C ALA A 89 23.88 1.39 -0.35
N HIS A 90 23.43 2.04 0.72
CA HIS A 90 24.25 3.01 1.46
C HIS A 90 24.13 2.73 2.94
N PRO A 91 24.82 1.70 3.42
CA PRO A 91 24.69 1.35 4.85
C PRO A 91 25.10 2.46 5.80
N GLU A 92 25.90 3.40 5.34
CA GLU A 92 26.29 4.54 6.16
C GLU A 92 25.16 5.55 6.32
N MET A 93 24.05 5.38 5.62
CA MET A 93 23.03 6.43 5.65
C MET A 93 22.34 6.51 7.02
N LEU A 94 22.04 5.37 7.62
CA LEU A 94 21.28 5.37 8.85
C LEU A 94 21.88 4.36 9.82
N ASN A 95 22.42 4.86 10.92
CA ASN A 95 22.99 3.99 11.93
C ASN A 95 21.96 2.97 12.39
N PRO A 96 22.36 1.74 12.70
CA PRO A 96 21.41 0.78 13.27
C PRO A 96 20.84 1.22 14.61
N SER A 97 21.52 2.11 15.33
CA SER A 97 20.97 2.68 16.56
C SER A 97 19.65 3.39 16.34
N VAL A 98 19.34 3.86 15.12
CA VAL A 98 18.25 4.81 14.91
C VAL A 98 16.98 4.05 14.60
N PRO A 99 15.93 4.15 15.43
CA PRO A 99 14.67 3.51 15.09
C PRO A 99 13.99 4.22 13.92
N LEU A 100 13.42 3.41 13.04
CA LEU A 100 12.72 3.87 11.86
C LEU A 100 11.23 3.58 11.98
N PHE A 101 10.42 4.62 11.81
CA PHE A 101 8.96 4.53 11.83
C PHE A 101 8.40 4.95 10.48
N ARG A 102 7.16 4.54 10.25
CA ARG A 102 6.41 4.86 9.05
C ARG A 102 5.06 5.40 9.48
N LEU A 103 4.24 5.75 8.51
CA LEU A 103 2.89 6.24 8.81
C LEU A 103 1.91 5.06 8.77
N GLU A 104 1.36 4.73 9.93
CA GLU A 104 0.35 3.68 10.05
C GLU A 104 -1.04 4.31 9.93
N ASP A 105 -1.76 3.96 8.84
CA ASP A 105 -3.09 4.49 8.56
C ASP A 105 -2.98 5.99 8.27
N THR A 106 -3.18 6.85 9.28
CA THR A 106 -3.20 8.32 9.09
C THR A 106 -4.12 8.73 7.96
N GLY A 107 -5.22 8.01 7.80
CA GLY A 107 -6.21 8.29 6.78
C GLY A 107 -6.15 7.35 5.60
N MET A 108 -5.06 6.62 5.45
CA MET A 108 -4.92 5.77 4.26
C MET A 108 -5.80 4.53 4.37
N GLY A 109 -6.13 4.10 5.59
CA GLY A 109 -7.06 3.00 5.79
C GLY A 109 -8.40 3.28 5.13
N GLU A 110 -9.06 4.37 5.55
CA GLU A 110 -10.33 4.73 4.94
C GLU A 110 -10.21 4.90 3.42
N GLN A 111 -9.11 5.50 2.95
CA GLN A 111 -8.94 5.69 1.51
C GLN A 111 -8.85 4.35 0.76
N MET A 112 -8.17 3.36 1.33
CA MET A 112 -8.14 2.05 0.70
C MET A 112 -9.52 1.39 0.75
N GLN A 113 -10.28 1.62 1.82
CA GLN A 113 -11.64 1.07 1.88
C GLN A 113 -12.53 1.70 0.79
N GLU A 114 -12.39 3.02 0.57
CA GLU A 114 -13.22 3.68 -0.44
C GLU A 114 -12.96 3.07 -1.84
N TYR A 115 -11.69 2.95 -2.20
CA TYR A 115 -11.29 2.41 -3.50
C TYR A 115 -11.76 0.96 -3.64
N ALA A 116 -11.46 0.13 -2.66
CA ALA A 116 -11.75 -1.30 -2.80
C ALA A 116 -13.26 -1.58 -2.81
N VAL A 117 -13.98 -1.02 -1.87
CA VAL A 117 -15.41 -1.26 -1.80
C VAL A 117 -16.08 -0.80 -3.08
N SER A 118 -15.74 0.40 -3.55
CA SER A 118 -16.36 0.90 -4.78
C SER A 118 -16.16 -0.08 -5.94
N GLN A 119 -14.93 -0.53 -6.15
CA GLN A 119 -14.64 -1.32 -7.34
C GLN A 119 -15.09 -2.77 -7.17
N VAL A 120 -15.01 -3.34 -5.96
CA VAL A 120 -15.54 -4.68 -5.75
C VAL A 120 -17.04 -4.71 -6.05
N LEU A 121 -17.77 -3.71 -5.54
CA LEU A 121 -19.21 -3.63 -5.80
C LEU A 121 -19.48 -3.41 -7.27
N HIS A 122 -18.64 -2.59 -7.92
CA HIS A 122 -18.76 -2.32 -9.36
C HIS A 122 -18.72 -3.61 -10.16
N TRP A 123 -17.75 -4.45 -9.85
CA TRP A 123 -17.63 -5.72 -10.53
C TRP A 123 -18.72 -6.69 -10.10
N PHE A 124 -19.07 -6.71 -8.82
CA PHE A 124 -20.09 -7.64 -8.35
C PHE A 124 -21.44 -7.34 -9.01
N ARG A 125 -21.75 -6.07 -9.24
CA ARG A 125 -22.99 -5.65 -9.88
C ARG A 125 -22.87 -5.58 -11.41
N ARG A 126 -21.73 -6.01 -11.97
CA ARG A 126 -21.55 -6.21 -13.42
C ARG A 126 -21.61 -4.90 -14.19
N PHE A 127 -21.24 -3.81 -13.51
CA PHE A 127 -21.21 -2.50 -14.16
C PHE A 127 -20.25 -2.50 -15.34
N ASP A 128 -19.21 -3.36 -15.27
CA ASP A 128 -18.31 -3.45 -16.41
C ASP A 128 -19.04 -4.03 -17.63
N ASP A 129 -19.88 -5.05 -17.43
CA ASP A 129 -20.61 -5.63 -18.56
C ASP A 129 -21.65 -4.65 -19.10
N TYR A 130 -22.32 -3.93 -18.20
CA TYR A 130 -23.35 -3.01 -18.65
C TYR A 130 -22.74 -1.85 -19.44
N ARG A 131 -21.52 -1.47 -19.10
CA ARG A 131 -20.80 -0.45 -19.83
C ARG A 131 -20.48 -0.93 -21.25
N ILE A 132 -19.96 -2.14 -21.38
CA ILE A 132 -19.74 -2.71 -22.70
C ILE A 132 -21.04 -2.69 -23.51
N GLN A 133 -22.15 -3.13 -22.91
CA GLN A 133 -23.42 -3.17 -23.64
C GLN A 133 -23.90 -1.76 -23.96
N GLN A 134 -23.74 -0.82 -23.02
CA GLN A 134 -24.09 0.55 -23.29
C GLN A 134 -23.33 1.10 -24.49
N ASN A 135 -22.03 0.75 -24.62
CA ASN A 135 -21.28 1.26 -25.77
C ASN A 135 -21.95 0.91 -27.11
N SER A 136 -22.80 -0.12 -27.13
CA SER A 136 -23.53 -0.47 -28.36
C SER A 136 -25.01 -0.14 -28.28
N SER A 137 -25.41 0.65 -27.28
CA SER A 137 -26.82 1.01 -27.14
C SER A 137 -27.68 -0.24 -27.02
N HIS A 138 -27.18 -1.23 -26.28
CA HIS A 138 -27.81 -2.55 -26.16
C HIS A 138 -28.35 -2.73 -24.73
N TRP A 139 -29.66 -2.97 -24.63
CA TRP A 139 -30.36 -3.18 -23.37
C TRP A 139 -30.49 -4.66 -23.09
N GLN A 140 -29.92 -5.10 -21.99
CA GLN A 140 -30.00 -6.52 -21.67
C GLN A 140 -29.70 -6.74 -20.21
N PRO A 141 -30.72 -6.93 -19.38
CA PRO A 141 -30.48 -7.41 -18.00
C PRO A 141 -29.65 -8.68 -18.03
N LEU A 142 -28.74 -8.78 -17.08
CA LEU A 142 -27.80 -9.87 -16.97
C LEU A 142 -28.01 -10.65 -15.68
N PRO A 143 -27.63 -11.93 -15.62
CA PRO A 143 -27.82 -12.69 -14.38
C PRO A 143 -27.05 -12.07 -13.23
N GLU A 144 -27.65 -12.15 -12.05
CA GLU A 144 -26.99 -11.67 -10.83
C GLU A 144 -25.87 -12.61 -10.41
N TYR A 145 -24.80 -12.02 -9.90
CA TYR A 145 -23.75 -12.76 -9.24
C TYR A 145 -24.15 -12.97 -7.77
N HIS A 146 -23.62 -14.03 -7.16
CA HIS A 146 -23.93 -14.34 -5.77
C HIS A 146 -22.69 -14.32 -4.92
N ARG A 147 -22.88 -13.88 -3.67
CA ARG A 147 -21.79 -13.73 -2.72
C ARG A 147 -20.98 -15.03 -2.56
N GLU A 148 -21.64 -16.19 -2.58
CA GLU A 148 -20.91 -17.44 -2.40
C GLU A 148 -19.90 -17.71 -3.52
N ASP A 149 -20.06 -17.08 -4.69
CA ASP A 149 -19.12 -17.22 -5.78
C ASP A 149 -18.16 -16.06 -5.88
N PHE A 150 -18.21 -15.12 -4.94
CA PHE A 150 -17.40 -13.91 -5.00
C PHE A 150 -16.56 -13.79 -3.74
N THR A 151 -15.88 -14.87 -3.39
CA THR A 151 -14.92 -14.81 -2.31
C THR A 151 -13.84 -13.80 -2.64
N ILE A 152 -13.51 -12.98 -1.67
CA ILE A 152 -12.44 -11.97 -1.78
C ILE A 152 -11.24 -12.34 -0.93
N GLY A 153 -10.06 -12.34 -1.55
CA GLY A 153 -8.81 -12.60 -0.86
C GLY A 153 -7.95 -11.34 -0.81
N ILE A 154 -7.41 -11.08 0.37
CA ILE A 154 -6.52 -9.95 0.57
C ILE A 154 -5.10 -10.49 0.75
N LEU A 155 -4.25 -10.23 -0.23
CA LEU A 155 -2.83 -10.54 -0.12
C LEU A 155 -2.18 -9.45 0.73
N GLY A 156 -1.69 -9.80 1.91
CA GLY A 156 -1.24 -8.81 2.86
C GLY A 156 -2.33 -8.53 3.88
N ALA A 157 -2.06 -8.67 5.17
CA ALA A 157 -3.11 -8.61 6.17
C ALA A 157 -2.72 -7.67 7.29
N GLY A 158 -2.25 -6.49 6.90
CA GLY A 158 -1.65 -5.53 7.81
C GLY A 158 -2.60 -4.42 8.19
N VAL A 159 -2.03 -3.23 8.38
CA VAL A 159 -2.82 -2.07 8.76
C VAL A 159 -3.88 -1.77 7.71
N LEU A 160 -3.49 -1.77 6.44
CA LEU A 160 -4.44 -1.49 5.37
C LEU A 160 -5.24 -2.72 4.95
N GLY A 161 -4.59 -3.88 4.90
CA GLY A 161 -5.31 -5.09 4.57
C GLY A 161 -6.47 -5.33 5.51
N SER A 162 -6.22 -5.22 6.83
CA SER A 162 -7.30 -5.44 7.77
C SER A 162 -8.44 -4.44 7.55
N LYS A 163 -8.11 -3.17 7.29
CA LYS A 163 -9.16 -2.17 7.09
C LYS A 163 -10.02 -2.51 5.88
N VAL A 164 -9.39 -2.98 4.81
CA VAL A 164 -10.16 -3.32 3.63
C VAL A 164 -11.02 -4.56 3.90
N ALA A 165 -10.44 -5.57 4.55
CA ALA A 165 -11.21 -6.75 4.93
C ALA A 165 -12.43 -6.38 5.76
N GLN A 166 -12.24 -5.52 6.76
CA GLN A 166 -13.36 -5.14 7.61
C GLN A 166 -14.48 -4.48 6.79
N SER A 167 -14.13 -3.58 5.87
CA SER A 167 -15.17 -2.88 5.12
C SER A 167 -15.87 -3.83 4.14
N LEU A 168 -15.17 -4.82 3.61
CA LEU A 168 -15.85 -5.75 2.71
C LEU A 168 -16.73 -6.76 3.45
N GLN A 169 -16.36 -7.13 4.68
CA GLN A 169 -17.18 -7.99 5.51
C GLN A 169 -18.57 -7.40 5.77
N THR A 170 -18.64 -6.08 5.95
CA THR A 170 -19.91 -5.36 6.04
C THR A 170 -20.88 -5.76 4.92
N TRP A 171 -20.37 -5.97 3.70
CA TRP A 171 -21.16 -6.36 2.55
C TRP A 171 -21.41 -7.86 2.46
N ARG A 172 -20.95 -8.64 3.45
CA ARG A 172 -21.20 -10.07 3.53
C ARG A 172 -20.52 -10.86 2.42
N PHE A 173 -19.42 -10.37 1.87
CA PHE A 173 -18.63 -11.25 0.98
C PHE A 173 -17.84 -12.25 1.83
N PRO A 174 -17.73 -13.52 1.39
CA PRO A 174 -16.75 -14.40 2.01
C PRO A 174 -15.36 -13.79 1.84
N LEU A 175 -14.53 -13.93 2.87
CA LEU A 175 -13.27 -13.20 2.94
C LEU A 175 -12.14 -14.09 3.42
N ARG A 176 -10.99 -13.95 2.79
CA ARG A 176 -9.80 -14.64 3.25
C ARG A 176 -8.61 -13.69 3.12
N CYS A 177 -7.57 -13.96 3.91
CA CYS A 177 -6.37 -13.11 3.87
C CYS A 177 -5.12 -13.98 3.90
N TRP A 178 -4.01 -13.42 3.43
CA TRP A 178 -2.73 -14.10 3.35
C TRP A 178 -1.63 -13.23 3.93
N SER A 179 -0.80 -13.80 4.78
CA SER A 179 0.27 -13.05 5.41
C SER A 179 1.35 -14.04 5.81
N ARG A 180 2.37 -13.56 6.50
CA ARG A 180 3.36 -14.46 7.05
C ARG A 180 2.87 -15.14 8.32
N THR A 181 2.09 -14.43 9.13
CA THR A 181 1.67 -14.95 10.42
C THR A 181 0.15 -15.01 10.49
N ARG A 182 -0.33 -16.01 11.20
CA ARG A 182 -1.75 -16.27 11.34
C ARG A 182 -2.45 -15.06 11.94
N LYS A 183 -3.64 -14.76 11.43
CA LYS A 183 -4.54 -13.73 11.92
C LYS A 183 -5.74 -14.37 12.60
N SER A 184 -6.38 -13.58 13.47
CA SER A 184 -7.50 -14.06 14.27
C SER A 184 -8.83 -13.37 13.96
N TRP A 185 -8.99 -12.82 12.75
CA TRP A 185 -10.21 -12.02 12.46
C TRP A 185 -11.42 -12.94 12.35
N PRO A 186 -12.44 -12.77 13.18
CA PRO A 186 -13.48 -13.80 13.27
C PRO A 186 -14.08 -14.29 11.97
N GLY A 187 -14.37 -13.47 10.99
CA GLY A 187 -15.02 -14.12 9.85
C GLY A 187 -14.14 -14.21 8.61
N VAL A 188 -12.83 -14.14 8.79
CA VAL A 188 -11.87 -14.09 7.70
C VAL A 188 -10.94 -15.29 7.83
N GLN A 189 -10.90 -16.13 6.81
CA GLN A 189 -10.02 -17.28 6.83
C GLN A 189 -8.58 -16.86 6.58
N SER A 190 -7.71 -17.15 7.54
CA SER A 190 -6.33 -16.72 7.52
C SER A 190 -5.44 -17.78 6.90
N PHE A 191 -4.74 -17.44 5.82
CA PHE A 191 -3.73 -18.30 5.23
C PHE A 191 -2.37 -17.69 5.53
N ALA A 192 -1.37 -18.53 5.75
CA ALA A 192 -0.07 -18.01 6.13
C ALA A 192 1.06 -18.79 5.48
N GLY A 193 1.99 -18.06 4.86
CA GLY A 193 3.20 -18.62 4.29
C GLY A 193 3.02 -19.08 2.86
N ARG A 194 4.17 -19.27 2.20
CA ARG A 194 4.18 -19.76 0.83
C ARG A 194 3.53 -21.14 0.71
N GLU A 195 3.61 -21.96 1.76
CA GLU A 195 3.07 -23.31 1.68
C GLU A 195 1.55 -23.33 1.65
N GLU A 196 0.90 -22.22 2.02
CA GLU A 196 -0.56 -22.09 1.99
C GLU A 196 -1.06 -21.14 0.91
N LEU A 197 -0.16 -20.58 0.08
CA LEU A 197 -0.56 -19.58 -0.89
C LEU A 197 -1.43 -20.19 -1.98
N SER A 198 -1.09 -21.40 -2.44
CA SER A 198 -1.88 -22.06 -3.47
C SER A 198 -3.31 -22.25 -3.03
N ALA A 199 -3.51 -22.79 -1.83
CA ALA A 199 -4.86 -22.99 -1.31
C ALA A 199 -5.60 -21.66 -1.15
N PHE A 200 -4.91 -20.62 -0.69
CA PHE A 200 -5.55 -19.30 -0.57
C PHE A 200 -6.05 -18.79 -1.92
N LEU A 201 -5.24 -18.96 -2.96
CA LEU A 201 -5.62 -18.42 -4.26
C LEU A 201 -6.77 -19.19 -4.90
N SER A 202 -6.98 -20.45 -4.53
CA SER A 202 -7.88 -21.31 -5.29
C SER A 202 -9.30 -20.73 -5.35
N GLN A 203 -9.73 -19.95 -4.36
CA GLN A 203 -11.09 -19.46 -4.29
C GLN A 203 -11.23 -17.95 -4.45
N CYS A 204 -10.16 -17.24 -4.78
CA CYS A 204 -10.20 -15.78 -4.78
C CYS A 204 -10.85 -15.33 -6.09
N ARG A 205 -12.15 -15.04 -6.02
CA ARG A 205 -12.80 -14.41 -7.17
C ARG A 205 -12.23 -13.01 -7.38
N VAL A 206 -11.97 -12.31 -6.30
CA VAL A 206 -11.31 -11.01 -6.32
C VAL A 206 -10.05 -11.14 -5.49
N LEU A 207 -8.94 -10.66 -6.03
CA LEU A 207 -7.65 -10.67 -5.36
C LEU A 207 -7.23 -9.22 -5.15
N ILE A 208 -7.09 -8.81 -3.90
CA ILE A 208 -6.70 -7.46 -3.55
C ILE A 208 -5.29 -7.49 -2.97
N ASN A 209 -4.37 -6.73 -3.55
CA ASN A 209 -2.99 -6.76 -3.13
C ASN A 209 -2.64 -5.56 -2.27
N LEU A 210 -2.35 -5.82 -1.00
CA LEU A 210 -1.92 -4.83 -0.03
C LEU A 210 -0.66 -5.28 0.68
N LEU A 211 0.26 -5.90 -0.07
CA LEU A 211 1.56 -6.32 0.43
C LEU A 211 2.57 -5.20 0.36
N PRO A 212 3.61 -5.23 1.18
CA PRO A 212 4.76 -4.34 0.96
C PRO A 212 5.68 -4.89 -0.11
N ASN A 213 6.41 -3.98 -0.75
CA ASN A 213 7.51 -4.38 -1.62
C ASN A 213 8.68 -4.81 -0.74
N THR A 214 9.03 -6.09 -0.82
CA THR A 214 10.20 -6.67 -0.18
C THR A 214 10.81 -7.64 -1.17
N PRO A 215 12.07 -8.02 -0.98
CA PRO A 215 12.66 -9.04 -1.88
C PRO A 215 11.85 -10.33 -1.97
N GLU A 216 11.14 -10.70 -0.90
CA GLU A 216 10.36 -11.92 -0.92
C GLU A 216 9.06 -11.80 -1.72
N THR A 217 8.58 -10.60 -2.01
CA THR A 217 7.29 -10.45 -2.68
C THR A 217 7.39 -9.91 -4.10
N VAL A 218 8.57 -9.48 -4.54
CA VAL A 218 8.74 -8.98 -5.90
C VAL A 218 8.28 -10.04 -6.90
N GLY A 219 7.45 -9.61 -7.86
CA GLY A 219 7.01 -10.49 -8.91
C GLY A 219 6.05 -11.58 -8.49
N ILE A 220 5.43 -11.45 -7.31
CA ILE A 220 4.62 -12.56 -6.82
C ILE A 220 3.37 -12.75 -7.66
N ILE A 221 2.83 -11.68 -8.24
CA ILE A 221 1.64 -11.82 -9.08
C ILE A 221 2.16 -12.08 -10.49
N ASN A 222 2.38 -13.36 -10.77
CA ASN A 222 2.89 -13.79 -12.07
C ASN A 222 2.00 -14.86 -12.68
N GLN A 223 2.45 -15.44 -13.80
CA GLN A 223 1.64 -16.41 -14.52
C GLN A 223 1.23 -17.58 -13.63
N GLN A 224 2.14 -18.06 -12.76
CA GLN A 224 1.85 -19.21 -11.91
C GLN A 224 0.81 -18.85 -10.84
N LEU A 225 0.87 -17.65 -10.31
CA LEU A 225 -0.16 -17.24 -9.36
C LEU A 225 -1.50 -17.05 -10.06
N LEU A 226 -1.49 -16.34 -11.20
CA LEU A 226 -2.76 -15.98 -11.83
C LEU A 226 -3.54 -17.20 -12.28
N GLU A 227 -2.85 -18.26 -12.69
CA GLU A 227 -3.56 -19.43 -13.22
C GLU A 227 -4.15 -20.30 -12.12
N LYS A 228 -3.78 -20.08 -10.85
CA LYS A 228 -4.40 -20.74 -9.71
C LYS A 228 -5.71 -20.09 -9.29
N LEU A 229 -5.98 -18.88 -9.76
CA LEU A 229 -7.21 -18.20 -9.46
C LEU A 229 -8.38 -18.88 -10.16
N PRO A 230 -9.58 -18.71 -9.63
CA PRO A 230 -10.78 -19.14 -10.37
C PRO A 230 -10.90 -18.36 -11.68
N ASP A 231 -11.62 -18.94 -12.61
CA ASP A 231 -11.89 -18.29 -13.88
C ASP A 231 -12.78 -17.05 -13.67
N GLY A 232 -12.56 -16.04 -14.52
CA GLY A 232 -13.27 -14.79 -14.38
C GLY A 232 -12.93 -14.03 -13.12
N ALA A 233 -11.67 -14.12 -12.68
CA ALA A 233 -11.25 -13.41 -11.48
C ALA A 233 -10.98 -11.94 -11.78
N TYR A 234 -10.83 -11.17 -10.69
CA TYR A 234 -10.54 -9.75 -10.75
C TYR A 234 -9.32 -9.44 -9.89
N LEU A 235 -8.53 -8.48 -10.32
CA LEU A 235 -7.30 -8.06 -9.66
C LEU A 235 -7.37 -6.58 -9.34
N LEU A 236 -7.13 -6.26 -8.09
CA LEU A 236 -7.00 -4.90 -7.57
C LEU A 236 -5.60 -4.79 -7.00
N ASN A 237 -4.75 -4.04 -7.65
CA ASN A 237 -3.38 -3.87 -7.19
C ASN A 237 -3.23 -2.49 -6.58
N LEU A 238 -3.25 -2.45 -5.27
CA LEU A 238 -3.16 -1.20 -4.54
C LEU A 238 -1.83 -1.03 -3.81
N ALA A 239 -0.85 -1.90 -4.08
CA ALA A 239 0.34 -1.97 -3.23
C ALA A 239 1.54 -1.41 -3.97
N ARG A 240 2.32 -2.23 -4.67
CA ARG A 240 3.48 -1.74 -5.43
C ARG A 240 3.50 -2.39 -6.81
N GLY A 241 3.98 -1.61 -7.78
CA GLY A 241 4.02 -2.11 -9.16
C GLY A 241 4.87 -3.35 -9.33
N VAL A 242 5.98 -3.45 -8.58
CA VAL A 242 6.87 -4.59 -8.74
C VAL A 242 6.20 -5.91 -8.36
N HIS A 243 5.07 -5.87 -7.65
CA HIS A 243 4.38 -7.10 -7.30
C HIS A 243 3.80 -7.82 -8.52
N VAL A 244 3.55 -7.13 -9.63
CA VAL A 244 2.84 -7.69 -10.78
C VAL A 244 3.80 -7.81 -11.96
N VAL A 245 3.83 -8.99 -12.59
CA VAL A 245 4.52 -9.19 -13.86
C VAL A 245 3.51 -8.78 -14.93
N GLU A 246 3.66 -7.56 -15.47
CA GLU A 246 2.60 -6.95 -16.28
C GLU A 246 2.30 -7.75 -17.55
N ASP A 247 3.32 -8.32 -18.20
CA ASP A 247 3.03 -9.13 -19.38
C ASP A 247 2.27 -10.41 -19.01
N ASP A 248 2.51 -10.97 -17.82
CA ASP A 248 1.74 -12.15 -17.40
C ASP A 248 0.28 -11.77 -17.14
N LEU A 249 0.05 -10.61 -16.54
CA LEU A 249 -1.31 -10.15 -16.31
C LEU A 249 -2.04 -9.95 -17.63
N LEU A 250 -1.39 -9.30 -18.59
CA LEU A 250 -2.02 -9.06 -19.88
C LEU A 250 -2.42 -10.36 -20.55
N ALA A 251 -1.57 -11.39 -20.42
CA ALA A 251 -1.88 -12.69 -21.03
C ALA A 251 -3.10 -13.33 -20.38
N ALA A 252 -3.23 -13.20 -19.06
CA ALA A 252 -4.39 -13.74 -18.36
C ALA A 252 -5.64 -12.90 -18.62
N LEU A 253 -5.47 -11.61 -18.90
CA LEU A 253 -6.61 -10.82 -19.35
C LEU A 253 -7.06 -11.24 -20.73
N ASP A 254 -6.10 -11.52 -21.63
CA ASP A 254 -6.42 -11.85 -23.01
C ASP A 254 -6.99 -13.25 -23.15
N SER A 255 -6.62 -14.17 -22.26
CA SER A 255 -7.20 -15.51 -22.30
C SER A 255 -8.56 -15.61 -21.63
N GLY A 256 -9.06 -14.56 -20.99
CA GLY A 256 -10.29 -14.68 -20.21
C GLY A 256 -10.12 -15.23 -18.81
N LYS A 257 -8.91 -15.60 -18.39
CA LYS A 257 -8.68 -15.97 -17.00
C LYS A 257 -9.06 -14.83 -16.04
N VAL A 258 -8.63 -13.61 -16.32
CA VAL A 258 -8.94 -12.44 -15.50
C VAL A 258 -9.95 -11.58 -16.27
N LYS A 259 -11.14 -11.41 -15.69
CA LYS A 259 -12.17 -10.59 -16.31
C LYS A 259 -11.87 -9.09 -16.19
N GLY A 260 -11.19 -8.66 -15.15
CA GLY A 260 -10.93 -7.24 -14.99
C GLY A 260 -9.78 -6.99 -14.03
N ALA A 261 -9.01 -5.94 -14.31
CA ALA A 261 -7.94 -5.52 -13.41
C ALA A 261 -7.99 -4.01 -13.22
N MET A 262 -7.96 -3.57 -11.97
CA MET A 262 -7.82 -2.15 -11.63
C MET A 262 -6.47 -1.99 -10.93
N LEU A 263 -5.65 -1.10 -11.47
CA LEU A 263 -4.25 -0.97 -11.08
C LEU A 263 -3.94 0.48 -10.74
N ASP A 264 -3.38 0.70 -9.56
CA ASP A 264 -2.99 2.04 -9.12
C ASP A 264 -1.48 2.24 -9.15
N VAL A 265 -0.70 1.18 -9.38
CA VAL A 265 0.76 1.22 -9.27
C VAL A 265 1.37 0.27 -10.32
N PHE A 266 2.58 0.59 -10.73
CA PHE A 266 3.17 -0.01 -11.92
C PHE A 266 4.68 -0.11 -11.75
N ASN A 267 5.28 -0.98 -12.55
CA ASN A 267 6.72 -1.18 -12.46
C ASN A 267 7.47 0.11 -12.79
N ARG A 268 6.96 0.89 -13.73
CA ARG A 268 7.51 2.20 -14.03
C ARG A 268 6.39 3.21 -13.85
N GLU A 269 6.68 4.29 -13.12
CA GLU A 269 5.70 5.31 -12.85
C GLU A 269 6.33 6.65 -13.20
N PRO A 270 5.65 7.50 -13.99
CA PRO A 270 4.38 7.25 -14.68
C PRO A 270 4.41 6.03 -15.64
N LEU A 271 3.32 5.29 -15.72
CA LEU A 271 3.25 4.17 -16.66
C LEU A 271 3.50 4.68 -18.08
N PRO A 272 4.54 4.17 -18.76
CA PRO A 272 4.85 4.73 -20.09
C PRO A 272 3.70 4.56 -21.04
N PRO A 273 3.50 5.51 -21.96
CA PRO A 273 2.33 5.46 -22.85
C PRO A 273 2.30 4.24 -23.77
N GLU A 274 3.44 3.61 -24.02
CA GLU A 274 3.46 2.41 -24.87
C GLU A 274 2.99 1.15 -24.16
N SER A 275 2.76 1.19 -22.85
CA SER A 275 2.27 0.01 -22.16
C SER A 275 0.92 -0.43 -22.73
N PRO A 276 0.73 -1.71 -23.04
CA PRO A 276 -0.59 -2.15 -23.51
C PRO A 276 -1.67 -2.03 -22.43
N LEU A 277 -1.29 -1.77 -21.18
CA LEU A 277 -2.31 -1.69 -20.13
C LEU A 277 -3.24 -0.49 -20.33
N TRP A 278 -2.71 0.59 -20.89
CA TRP A 278 -3.51 1.81 -20.98
C TRP A 278 -4.82 1.58 -21.74
N GLN A 279 -4.74 0.95 -22.90
CA GLN A 279 -5.89 0.76 -23.79
C GLN A 279 -6.49 -0.63 -23.73
N HIS A 280 -6.01 -1.49 -22.84
CA HIS A 280 -6.63 -2.80 -22.70
C HIS A 280 -8.07 -2.65 -22.21
N PRO A 281 -9.04 -3.25 -22.89
CA PRO A 281 -10.45 -3.00 -22.52
C PRO A 281 -10.83 -3.45 -21.10
N ARG A 282 -10.06 -4.31 -20.45
CA ARG A 282 -10.46 -4.81 -19.15
C ARG A 282 -9.59 -4.25 -18.05
N VAL A 283 -8.80 -3.24 -18.34
CA VAL A 283 -7.91 -2.65 -17.38
C VAL A 283 -8.40 -1.24 -17.04
N THR A 284 -8.39 -0.91 -15.75
CA THR A 284 -8.67 0.43 -15.24
C THR A 284 -7.42 0.92 -14.52
N ILE A 285 -7.03 2.17 -14.77
CA ILE A 285 -5.76 2.70 -14.29
C ILE A 285 -5.99 3.98 -13.51
N THR A 286 -5.38 4.07 -12.32
CA THR A 286 -5.27 5.32 -11.57
C THR A 286 -3.80 5.61 -11.31
N PRO A 287 -3.39 6.88 -11.30
CA PRO A 287 -1.96 7.20 -11.31
C PRO A 287 -1.35 7.28 -9.90
N HIS A 288 -1.35 6.14 -9.21
CA HIS A 288 -0.80 6.02 -7.87
C HIS A 288 -1.41 7.08 -6.94
N VAL A 289 -2.71 6.91 -6.71
CA VAL A 289 -3.46 7.85 -5.89
C VAL A 289 -4.42 7.12 -4.97
N ALA A 290 -4.20 5.84 -4.75
CA ALA A 290 -5.17 5.08 -3.96
C ALA A 290 -5.29 5.63 -2.54
N ALA A 291 -4.16 5.87 -1.88
CA ALA A 291 -4.19 6.36 -0.51
C ALA A 291 -2.98 7.22 -0.21
N ILE A 292 -3.21 8.49 0.03
CA ILE A 292 -2.15 9.43 0.41
C ILE A 292 -2.39 9.84 1.85
N THR A 293 -1.33 9.95 2.62
CA THR A 293 -1.49 10.36 4.01
C THR A 293 -2.14 11.75 4.07
N ARG A 294 -3.03 11.91 5.00
CA ARG A 294 -3.62 13.21 5.26
C ARG A 294 -2.70 14.00 6.18
N PRO A 295 -2.07 15.10 5.69
CA PRO A 295 -1.10 15.83 6.53
C PRO A 295 -1.54 15.99 7.99
N ALA A 296 -2.78 16.39 8.28
CA ALA A 296 -3.08 16.67 9.69
C ALA A 296 -3.13 15.39 10.53
N GLU A 297 -3.51 14.26 9.92
CA GLU A 297 -3.48 13.00 10.66
C GLU A 297 -2.05 12.53 10.84
N ALA A 298 -1.18 12.83 9.87
CA ALA A 298 0.22 12.44 9.97
C ALA A 298 0.94 13.23 11.06
N VAL A 299 0.69 14.55 11.11
CA VAL A 299 1.26 15.38 12.17
C VAL A 299 0.76 14.94 13.55
N GLU A 300 -0.48 14.49 13.67
CA GLU A 300 -0.99 13.97 14.93
C GLU A 300 -0.34 12.64 15.28
N TYR A 301 -0.19 11.74 14.30
CA TYR A 301 0.47 10.46 14.55
C TYR A 301 1.93 10.67 14.97
N ILE A 302 2.63 11.59 14.33
CA ILE A 302 4.05 11.81 14.61
C ILE A 302 4.22 12.46 15.99
N SER A 303 3.50 13.56 16.24
CA SER A 303 3.58 14.17 17.56
C SER A 303 3.20 13.20 18.68
N ARG A 304 2.17 12.37 18.49
CA ARG A 304 1.79 11.45 19.56
C ARG A 304 2.87 10.37 19.74
N THR A 305 3.47 9.90 18.65
CA THR A 305 4.50 8.86 18.75
C THR A 305 5.76 9.40 19.45
N ILE A 306 6.14 10.64 19.15
CA ILE A 306 7.29 11.21 19.81
C ILE A 306 7.03 11.32 21.31
N ALA A 307 5.82 11.75 21.69
CA ALA A 307 5.47 11.86 23.09
C ALA A 307 5.53 10.51 23.79
N GLN A 308 5.09 9.46 23.11
CA GLN A 308 5.15 8.13 23.70
C GLN A 308 6.59 7.66 23.86
N LEU A 309 7.44 7.93 22.86
CA LEU A 309 8.85 7.59 22.98
C LEU A 309 9.45 8.29 24.19
N GLU A 310 9.09 9.55 24.41
CA GLU A 310 9.64 10.29 25.53
C GLU A 310 9.19 9.72 26.87
N LYS A 311 7.97 9.20 26.95
CA LYS A 311 7.42 8.68 28.19
C LYS A 311 7.75 7.21 28.42
N GLY A 312 8.43 6.56 27.49
CA GLY A 312 8.75 5.16 27.65
C GLY A 312 7.58 4.21 27.47
N GLU A 313 6.53 4.65 26.77
CA GLU A 313 5.41 3.78 26.43
C GLU A 313 5.73 3.02 25.15
N LYS A 314 5.24 1.78 25.09
CA LYS A 314 5.51 0.94 23.93
C LYS A 314 4.85 1.57 22.71
N VAL A 315 5.61 1.70 21.64
CA VAL A 315 5.10 2.07 20.33
C VAL A 315 5.32 0.84 19.48
N CYS A 316 4.54 0.68 18.38
CA CYS A 316 4.68 -0.52 17.58
C CYS A 316 4.80 -0.23 16.09
N GLY A 317 4.54 1.02 15.65
CA GLY A 317 4.59 1.38 14.23
C GLY A 317 5.97 1.41 13.59
N GLN A 318 6.80 0.44 14.01
CA GLN A 318 8.24 0.48 13.79
C GLN A 318 8.67 -0.48 12.68
N VAL A 319 9.54 0.01 11.83
CA VAL A 319 10.05 -0.81 10.74
C VAL A 319 11.11 -1.77 11.25
N ASP A 320 11.05 -3.01 10.77
CA ASP A 320 12.03 -4.04 11.10
C ASP A 320 12.93 -4.21 9.87
N ARG A 321 14.15 -3.67 9.96
CA ARG A 321 15.07 -3.65 8.83
C ARG A 321 15.50 -5.04 8.42
N ALA A 322 15.49 -6.00 9.36
CA ALA A 322 15.86 -7.35 8.98
C ALA A 322 14.75 -8.03 8.17
N ARG A 323 13.49 -7.87 8.57
CA ARG A 323 12.45 -8.55 7.77
C ARG A 323 12.12 -7.79 6.50
N GLY A 324 12.39 -6.49 6.48
CA GLY A 324 12.20 -5.69 5.27
C GLY A 324 10.93 -4.83 5.22
N TYR A 325 10.20 -4.70 6.31
CA TYR A 325 9.00 -3.91 6.33
C TYR A 325 8.55 -3.63 7.76
C1 AKG B . 2.66 5.12 0.48
O1 AKG B . 2.24 5.81 1.44
O2 AKG B . 3.50 4.20 0.70
C2 AKG B . 2.12 5.39 -0.92
O5 AKG B . 2.18 4.57 -1.77
C3 AKG B . 1.50 6.75 -1.22
C4 AKG B . 2.57 7.82 -1.45
C5 AKG B . 3.52 7.45 -2.60
O3 AKG B . 3.44 8.10 -3.68
O4 AKG B . 4.36 6.53 -2.48
H31 AKG B . 0.94 6.69 -2.02
H32 AKG B . 0.93 7.03 -0.47
H41 AKG B . 3.09 7.90 -0.64
H42 AKG B . 2.14 8.66 -1.65
PA NAP C . 1.72 -3.49 7.00
O1A NAP C . 0.85 -3.03 8.13
O2A NAP C . 3.19 -3.69 7.27
O5B NAP C . 1.13 -4.86 6.42
C5B NAP C . 1.91 -5.65 5.55
C4B NAP C . 1.33 -7.06 5.49
O4B NAP C . 1.95 -7.77 4.41
C3B NAP C . 1.58 -7.95 6.71
O3B NAP C . 0.31 -8.55 7.03
C2B NAP C . 2.59 -9.05 6.35
O2B NAP C . 2.37 -10.21 7.17
C1B NAP C . 2.35 -9.07 4.83
N9A NAP C . 3.59 -9.58 4.28
C8A NAP C . 4.82 -9.01 4.24
N7A NAP C . 5.70 -9.82 3.68
C5A NAP C . 5.03 -10.96 3.36
C6A NAP C . 5.35 -12.25 2.75
N6A NAP C . 6.62 -12.48 2.36
N1A NAP C . 4.39 -13.17 2.61
C2A NAP C . 3.13 -12.92 3.00
N3A NAP C . 2.74 -11.77 3.58
C4A NAP C . 3.65 -10.79 3.78
O3 NAP C . 1.64 -2.47 5.74
PN NAP C . 0.35 -1.55 5.42
O1N NAP C . -0.89 -2.44 5.35
O2N NAP C . 0.41 -0.34 6.30
O5D NAP C . 0.72 -1.06 3.95
C5D NAP C . 0.96 -2.14 3.07
C4D NAP C . 1.51 -1.58 1.75
O4D NAP C . 0.49 -0.81 1.07
C3D NAP C . 2.76 -0.68 1.80
O3D NAP C . 3.90 -1.49 1.94
C2D NAP C . 2.62 0.06 0.47
O2D NAP C . 3.41 -0.58 -0.54
C1D NAP C . 1.13 -0.01 0.07
N1N NAP C . 0.52 1.30 -0.08
C2N NAP C . 0.15 1.75 -1.30
C3N NAP C . -0.41 3.02 -1.45
C7N NAP C . -0.91 3.56 -2.79
O7N NAP C . -1.14 2.82 -3.77
N7N NAP C . -1.21 4.82 -2.92
C4N NAP C . -0.59 3.80 -0.33
C5N NAP C . -0.20 3.31 0.91
C6N NAP C . 0.35 2.05 1.02
P2B NAP C . 2.43 -10.15 8.80
O1X NAP C . 1.22 -9.42 9.29
O2X NAP C . 3.65 -9.39 9.19
O3X NAP C . 2.46 -11.64 9.05
H51A NAP C . 1.92 -5.22 4.54
H52A NAP C . 2.94 -5.70 5.90
H4B NAP C . 0.24 -6.90 5.41
H3B NAP C . 1.98 -7.38 7.57
HO3A NAP C . -0.15 -8.01 7.69
H2B NAP C . 3.66 -8.94 6.56
H1B NAP C . 1.51 -9.72 4.51
H8A NAP C . 5.04 -8.01 4.62
H61A NAP C . 7.33 -11.76 2.49
H62A NAP C . 6.86 -13.35 1.93
H2A NAP C . 2.39 -13.70 2.84
H51N NAP C . 0.02 -2.66 2.88
H52N NAP C . 1.67 -2.84 3.50
H4D NAP C . 1.81 -2.51 1.24
H3D NAP C . 2.85 0.03 2.63
HO3N NAP C . 4.69 -0.93 1.94
H2D NAP C . 2.97 1.11 0.56
HO2N NAP C . 4.35 -0.54 -0.28
H1D NAP C . 1.04 -0.46 -0.92
H2N NAP C . 0.28 1.12 -2.17
H71N NAP C . -1.08 5.50 -2.18
H72N NAP C . -1.57 5.13 -3.81
H4N NAP C . -1.04 4.78 -0.41
H5N NAP C . -0.34 3.92 1.80
H6N NAP C . 0.65 1.66 1.99
#